data_5JR0
#
_entry.id   5JR0
#
_entity_poly.entity_id   1
_entity_poly.type   'polypeptide(L)'
_entity_poly.pdbx_seq_one_letter_code
;KKKGICFFCSYIIISFLIVVNMYIAIILENFKKK(NH2)
;
_entity_poly.pdbx_strand_id   A
#
loop_
_chem_comp.id
_chem_comp.type
_chem_comp.name
_chem_comp.formula
NH2 non-polymer 'AMINO GROUP' 'H2 N'
#
# COMPACT_ATOMS: atom_id res chain seq x y z
N LYS A 1 10.06 -1.91 -22.48
CA LYS A 1 10.38 -0.46 -22.87
C LYS A 1 9.97 0.64 -21.78
N LYS A 2 10.04 1.97 -22.10
CA LYS A 2 9.72 3.06 -21.17
C LYS A 2 8.41 3.83 -21.47
N LYS A 3 7.60 3.28 -22.34
CA LYS A 3 6.29 3.72 -22.53
C LYS A 3 5.39 2.48 -22.51
N GLY A 4 4.06 2.64 -22.21
CA GLY A 4 3.18 1.47 -22.02
C GLY A 4 3.29 0.82 -20.64
N ILE A 5 4.19 1.37 -19.76
CA ILE A 5 4.54 0.79 -18.46
C ILE A 5 3.90 1.58 -17.27
N CYS A 6 3.21 2.74 -17.46
CA CYS A 6 2.69 3.56 -16.40
C CYS A 6 1.54 3.01 -15.63
N PHE A 7 0.63 2.22 -16.27
CA PHE A 7 -0.44 1.53 -15.54
C PHE A 7 0.15 0.40 -14.67
N PHE A 8 1.14 -0.33 -15.23
CA PHE A 8 1.73 -1.40 -14.49
C PHE A 8 2.59 -0.87 -13.28
N CYS A 9 3.38 0.20 -13.45
CA CYS A 9 4.12 0.81 -12.38
C CYS A 9 3.23 1.39 -11.30
N SER A 10 2.17 2.06 -11.72
CA SER A 10 1.08 2.56 -10.87
C SER A 10 0.34 1.51 -10.07
N TYR A 11 0.00 0.38 -10.74
CA TYR A 11 -0.50 -0.81 -9.99
C TYR A 11 0.43 -1.37 -8.99
N ILE A 12 1.68 -1.36 -9.22
CA ILE A 12 2.58 -1.79 -8.14
C ILE A 12 2.70 -0.80 -6.93
N ILE A 13 2.59 0.53 -7.07
CA ILE A 13 2.52 1.47 -5.94
C ILE A 13 1.21 1.26 -5.16
N ILE A 14 0.00 1.12 -5.83
CA ILE A 14 -1.33 0.97 -5.38
C ILE A 14 -1.44 -0.36 -4.53
N SER A 15 -0.92 -1.47 -5.11
CA SER A 15 -0.87 -2.79 -4.51
C SER A 15 -0.03 -2.89 -3.24
N PHE A 16 1.14 -2.10 -3.23
CA PHE A 16 1.90 -1.87 -2.02
C PHE A 16 1.21 -1.09 -0.94
N LEU A 17 0.53 -0.03 -1.36
CA LEU A 17 -0.23 0.97 -0.66
C LEU A 17 -1.48 0.40 0.04
N ILE A 18 -2.36 -0.41 -0.51
CA ILE A 18 -3.47 -1.01 0.24
C ILE A 18 -3.05 -1.80 1.47
N VAL A 19 -1.97 -2.60 1.43
CA VAL A 19 -1.48 -3.35 2.61
C VAL A 19 -0.92 -2.38 3.63
N VAL A 20 -0.10 -1.40 3.19
CA VAL A 20 0.55 -0.41 4.01
C VAL A 20 -0.46 0.45 4.76
N ASN A 21 -1.51 0.84 4.11
CA ASN A 21 -2.56 1.68 4.72
C ASN A 21 -3.34 0.91 5.70
N MET A 22 -3.69 -0.37 5.40
CA MET A 22 -4.45 -1.23 6.29
C MET A 22 -3.72 -1.70 7.53
N TYR A 23 -2.39 -2.02 7.39
CA TYR A 23 -1.42 -2.39 8.41
C TYR A 23 -1.25 -1.21 9.38
N ILE A 24 -1.04 0.02 8.89
CA ILE A 24 -0.95 1.15 9.82
C ILE A 24 -2.15 1.47 10.67
N ALA A 25 -3.30 1.00 10.25
CA ALA A 25 -4.49 1.12 11.01
C ALA A 25 -4.55 0.00 12.03
N ILE A 26 -4.17 -1.26 11.71
CA ILE A 26 -4.32 -2.43 12.64
C ILE A 26 -3.14 -2.35 13.67
N ILE A 27 -1.94 -1.96 13.32
CA ILE A 27 -0.78 -2.09 14.20
C ILE A 27 -0.66 -0.85 15.09
N LEU A 28 -1.33 0.26 14.74
CA LEU A 28 -1.62 1.41 15.63
C LEU A 28 -2.63 0.98 16.62
N GLU A 29 -3.73 0.20 16.28
CA GLU A 29 -4.77 -0.31 17.12
C GLU A 29 -4.20 -1.29 18.12
N ASN A 30 -3.37 -2.27 17.70
CA ASN A 30 -2.74 -3.13 18.61
C ASN A 30 -1.76 -2.44 19.60
N PHE A 31 -1.03 -1.45 19.15
CA PHE A 31 -0.15 -0.68 20.05
C PHE A 31 -1.02 0.05 21.09
N LYS A 32 -1.98 0.74 20.61
CA LYS A 32 -2.97 1.45 21.48
C LYS A 32 -3.75 0.59 22.50
N LYS A 33 -4.12 -0.63 22.02
CA LYS A 33 -4.88 -1.60 22.80
C LYS A 33 -3.99 -2.14 24.03
N LYS A 34 -2.77 -2.43 23.72
CA LYS A 34 -1.75 -2.92 24.65
C LYS A 34 -1.51 -1.88 25.76
N NH2 A 35 -1.35 -0.60 25.38
HN1 NH2 A 35 -1.51 0.10 26.06
HN2 NH2 A 35 -1.48 -0.44 24.39
N LYS A 1 -1.18 3.71 -25.74
CA LYS A 1 -0.35 4.43 -24.66
C LYS A 1 1.14 4.45 -24.96
N LYS A 2 1.97 4.90 -24.01
CA LYS A 2 3.39 4.88 -24.02
C LYS A 2 4.13 3.54 -24.14
N LYS A 3 5.30 3.49 -24.86
CA LYS A 3 6.12 2.27 -25.06
C LYS A 3 6.92 1.86 -23.83
N GLY A 4 6.55 2.48 -22.67
CA GLY A 4 6.99 2.23 -21.37
C GLY A 4 5.94 1.58 -20.49
N ILE A 5 6.52 1.04 -19.29
CA ILE A 5 5.82 0.08 -18.49
C ILE A 5 5.24 0.80 -17.26
N CYS A 6 5.30 2.19 -17.19
CA CYS A 6 4.79 3.01 -16.09
C CYS A 6 3.28 2.95 -15.76
N PHE A 7 2.42 2.74 -16.72
CA PHE A 7 1.04 2.47 -16.45
C PHE A 7 0.77 1.11 -15.79
N PHE A 8 1.52 0.04 -16.10
CA PHE A 8 1.58 -1.20 -15.43
C PHE A 8 2.15 -1.13 -13.98
N CYS A 9 3.23 -0.34 -13.77
CA CYS A 9 3.81 -0.15 -12.47
C CYS A 9 2.90 0.70 -11.59
N SER A 10 2.20 1.73 -12.11
CA SER A 10 1.37 2.56 -11.22
C SER A 10 0.25 1.84 -10.56
N TYR A 11 -0.35 0.85 -11.27
CA TYR A 11 -1.29 -0.11 -10.64
C TYR A 11 -0.72 -1.05 -9.57
N ILE A 12 0.57 -1.43 -9.66
CA ILE A 12 1.25 -2.07 -8.57
C ILE A 12 1.44 -1.15 -7.32
N ILE A 13 1.91 0.06 -7.50
CA ILE A 13 1.93 0.99 -6.38
C ILE A 13 0.61 1.22 -5.66
N ILE A 14 -0.58 1.23 -6.33
CA ILE A 14 -1.86 1.40 -5.73
C ILE A 14 -2.31 0.12 -5.11
N SER A 15 -1.84 -1.06 -5.67
CA SER A 15 -2.04 -2.38 -4.96
C SER A 15 -1.33 -2.56 -3.70
N PHE A 16 -0.09 -2.03 -3.58
CA PHE A 16 0.71 -1.87 -2.38
C PHE A 16 0.07 -0.93 -1.42
N LEU A 17 -0.42 0.26 -1.84
CA LEU A 17 -0.82 1.30 -0.93
C LEU A 17 -1.80 0.89 0.17
N ILE A 18 -2.72 0.00 -0.19
CA ILE A 18 -3.69 -0.57 0.72
C ILE A 18 -3.15 -1.69 1.67
N VAL A 19 -2.00 -2.31 1.41
CA VAL A 19 -1.52 -3.21 2.38
C VAL A 19 -0.68 -2.41 3.43
N VAL A 20 -0.02 -1.34 2.99
CA VAL A 20 0.57 -0.28 3.78
C VAL A 20 -0.40 0.33 4.80
N ASN A 21 -1.62 0.80 4.28
CA ASN A 21 -2.70 1.31 5.12
C ASN A 21 -3.19 0.30 6.10
N MET A 22 -3.31 -0.97 5.73
CA MET A 22 -3.70 -2.04 6.68
C MET A 22 -2.70 -2.24 7.77
N TYR A 23 -1.39 -2.26 7.52
CA TYR A 23 -0.32 -2.22 8.48
C TYR A 23 -0.37 -1.01 9.44
N ILE A 24 -0.71 0.15 8.96
CA ILE A 24 -0.95 1.29 9.81
C ILE A 24 -2.26 1.07 10.64
N ALA A 25 -3.36 0.54 10.10
CA ALA A 25 -4.61 0.36 10.78
C ALA A 25 -4.48 -0.61 12.02
N ILE A 26 -3.76 -1.70 11.86
CA ILE A 26 -3.58 -2.61 12.95
C ILE A 26 -2.64 -2.04 14.08
N ILE A 27 -1.51 -1.41 13.73
CA ILE A 27 -0.69 -0.90 14.84
C ILE A 27 -1.33 0.12 15.77
N LEU A 28 -2.16 1.10 15.25
CA LEU A 28 -2.99 2.11 15.99
C LEU A 28 -3.91 1.41 17.03
N GLU A 29 -4.60 0.33 16.64
CA GLU A 29 -5.39 -0.52 17.50
C GLU A 29 -4.48 -1.27 18.51
N ASN A 30 -3.38 -1.86 18.10
CA ASN A 30 -2.44 -2.62 18.94
C ASN A 30 -1.80 -1.62 19.97
N PHE A 31 -1.44 -0.34 19.58
CA PHE A 31 -0.93 0.69 20.51
C PHE A 31 -1.78 0.88 21.76
N LYS A 32 -3.12 0.72 21.63
CA LYS A 32 -4.05 0.72 22.74
C LYS A 32 -3.96 -0.50 23.65
N LYS A 33 -3.84 -1.71 23.02
CA LYS A 33 -3.80 -3.02 23.70
C LYS A 33 -2.52 -3.38 24.45
N LYS A 34 -1.35 -3.09 23.82
CA LYS A 34 0.03 -3.29 24.34
C LYS A 34 0.67 -2.10 25.05
N NH2 A 35 0.10 -1.76 26.23
HN1 NH2 A 35 -0.77 -2.14 26.54
HN2 NH2 A 35 0.56 -0.97 26.61
N LYS A 1 11.06 -1.32 -21.54
CA LYS A 1 10.97 0.14 -21.69
C LYS A 1 9.68 0.75 -21.13
N LYS A 2 9.83 1.85 -20.40
CA LYS A 2 8.86 2.22 -19.40
C LYS A 2 7.58 2.84 -19.99
N LYS A 3 7.63 3.19 -21.26
CA LYS A 3 6.76 4.06 -21.97
C LYS A 3 5.32 3.61 -22.06
N GLY A 4 5.04 2.27 -22.33
CA GLY A 4 3.69 1.75 -22.35
C GLY A 4 3.38 0.82 -21.26
N ILE A 5 4.32 0.45 -20.35
CA ILE A 5 4.14 -0.55 -19.27
C ILE A 5 3.99 0.08 -17.83
N CYS A 6 4.06 1.38 -17.82
CA CYS A 6 3.95 2.24 -16.65
C CYS A 6 2.58 2.05 -16.00
N PHE A 7 1.61 1.73 -16.80
CA PHE A 7 0.23 1.51 -16.43
C PHE A 7 0.13 0.31 -15.48
N PHE A 8 0.84 -0.83 -15.68
CA PHE A 8 0.81 -1.98 -14.85
C PHE A 8 1.59 -1.59 -13.56
N CYS A 9 2.74 -0.93 -13.66
CA CYS A 9 3.60 -0.62 -12.48
C CYS A 9 2.82 0.21 -11.52
N SER A 10 2.05 1.23 -11.99
CA SER A 10 1.26 2.19 -11.19
C SER A 10 0.11 1.54 -10.40
N TYR A 11 -0.52 0.50 -10.91
CA TYR A 11 -1.46 -0.35 -10.14
C TYR A 11 -0.85 -0.98 -8.87
N ILE A 12 0.43 -1.47 -8.95
CA ILE A 12 1.20 -2.03 -7.82
C ILE A 12 1.48 -0.98 -6.80
N ILE A 13 1.95 0.23 -7.26
CA ILE A 13 2.21 1.37 -6.38
C ILE A 13 0.99 1.82 -5.59
N ILE A 14 -0.16 1.93 -6.24
CA ILE A 14 -1.37 2.28 -5.61
C ILE A 14 -1.84 1.24 -4.68
N SER A 15 -1.56 -0.06 -5.00
CA SER A 15 -1.80 -1.15 -4.11
C SER A 15 -0.96 -1.19 -2.86
N PHE A 16 0.38 -0.85 -2.97
CA PHE A 16 1.37 -0.71 -1.89
C PHE A 16 0.87 0.37 -0.87
N LEU A 17 0.16 1.43 -1.27
CA LEU A 17 -0.27 2.49 -0.42
C LEU A 17 -1.37 1.88 0.48
N ILE A 18 -2.32 1.03 -0.07
CA ILE A 18 -3.48 0.46 0.60
C ILE A 18 -3.07 -0.59 1.58
N VAL A 19 -2.26 -1.61 1.15
CA VAL A 19 -1.51 -2.58 1.91
C VAL A 19 -0.64 -2.05 2.98
N VAL A 20 0.13 -0.94 2.76
CA VAL A 20 0.90 -0.26 3.82
C VAL A 20 -0.06 0.22 4.96
N ASN A 21 -1.13 0.94 4.59
CA ASN A 21 -2.23 1.40 5.44
C ASN A 21 -2.97 0.36 6.21
N MET A 22 -3.14 -0.83 5.67
CA MET A 22 -3.63 -1.93 6.42
C MET A 22 -2.66 -2.38 7.57
N TYR A 23 -1.32 -2.31 7.21
CA TYR A 23 -0.33 -2.51 8.23
C TYR A 23 -0.38 -1.38 9.28
N ILE A 24 -0.49 -0.14 8.87
CA ILE A 24 -0.73 1.04 9.72
C ILE A 24 -1.95 0.91 10.56
N ALA A 25 -3.13 0.44 10.02
CA ALA A 25 -4.34 0.16 10.83
C ALA A 25 -4.19 -0.89 11.84
N ILE A 26 -3.55 -2.10 11.51
CA ILE A 26 -3.18 -3.13 12.47
C ILE A 26 -2.25 -2.65 13.51
N ILE A 27 -1.26 -1.80 13.18
CA ILE A 27 -0.29 -1.22 14.10
C ILE A 27 -1.03 -0.27 15.06
N LEU A 28 -1.98 0.62 14.61
CA LEU A 28 -2.76 1.47 15.45
C LEU A 28 -3.69 0.67 16.33
N GLU A 29 -4.14 -0.55 15.88
CA GLU A 29 -4.93 -1.36 16.83
C GLU A 29 -4.02 -2.04 17.84
N ASN A 30 -2.77 -2.54 17.56
CA ASN A 30 -2.03 -3.03 18.67
C ASN A 30 -1.57 -2.04 19.76
N PHE A 31 -1.30 -0.83 19.31
CA PHE A 31 -0.80 0.27 20.16
C PHE A 31 -1.79 0.67 21.19
N LYS A 32 -3.07 0.64 20.71
CA LYS A 32 -4.26 0.91 21.49
C LYS A 32 -4.46 -0.25 22.50
N LYS A 33 -4.31 -1.50 22.05
CA LYS A 33 -4.40 -2.78 22.79
C LYS A 33 -3.36 -2.95 23.90
N LYS A 34 -2.12 -2.66 23.60
CA LYS A 34 -1.05 -2.77 24.60
C LYS A 34 -0.85 -1.51 25.44
N NH2 A 35 -1.68 -0.48 25.17
HN1 NH2 A 35 -2.60 -0.72 24.86
HN2 NH2 A 35 -1.46 0.40 25.60
N LYS A 1 -1.60 5.04 -24.99
CA LYS A 1 -0.84 5.37 -23.77
C LYS A 1 0.68 5.63 -24.02
N LYS A 2 1.49 6.08 -23.04
CA LYS A 2 2.96 6.01 -23.15
C LYS A 2 3.43 4.60 -23.34
N LYS A 3 4.56 4.44 -24.05
CA LYS A 3 5.05 3.12 -24.46
C LYS A 3 5.87 2.34 -23.38
N GLY A 4 6.14 3.02 -22.28
CA GLY A 4 6.80 2.40 -21.10
C GLY A 4 5.89 1.49 -20.36
N ILE A 5 6.41 1.00 -19.21
CA ILE A 5 5.87 -0.07 -18.32
C ILE A 5 5.21 0.69 -17.09
N CYS A 6 5.23 2.05 -17.16
CA CYS A 6 4.99 2.99 -16.12
C CYS A 6 3.60 2.95 -15.56
N PHE A 7 2.62 2.75 -16.47
CA PHE A 7 1.21 2.75 -15.93
C PHE A 7 0.94 1.56 -15.15
N PHE A 8 1.39 0.40 -15.66
CA PHE A 8 1.13 -0.87 -14.91
C PHE A 8 2.02 -0.88 -13.68
N CYS A 9 3.22 -0.34 -13.59
CA CYS A 9 4.06 -0.07 -12.48
C CYS A 9 3.42 0.89 -11.40
N SER A 10 2.66 1.86 -11.90
CA SER A 10 1.98 2.83 -11.09
C SER A 10 0.64 2.26 -10.63
N TYR A 11 0.14 1.17 -11.31
CA TYR A 11 -0.93 0.28 -10.76
C TYR A 11 -0.48 -0.71 -9.67
N ILE A 12 0.80 -1.10 -9.65
CA ILE A 12 1.45 -1.78 -8.53
C ILE A 12 1.59 -0.95 -7.28
N ILE A 13 2.05 0.33 -7.35
CA ILE A 13 2.18 1.21 -6.15
C ILE A 13 0.86 1.38 -5.35
N ILE A 14 -0.30 1.61 -6.07
CA ILE A 14 -1.61 1.55 -5.42
C ILE A 14 -1.94 0.21 -4.75
N SER A 15 -1.61 -0.94 -5.40
CA SER A 15 -1.77 -2.25 -4.80
C SER A 15 -0.87 -2.47 -3.60
N PHE A 16 0.36 -1.97 -3.57
CA PHE A 16 1.13 -2.08 -2.29
C PHE A 16 0.66 -1.21 -1.20
N LEU A 17 0.23 0.01 -1.56
CA LEU A 17 -0.28 0.95 -0.61
C LEU A 17 -1.49 0.56 0.35
N ILE A 18 -2.38 -0.24 -0.23
CA ILE A 18 -3.51 -0.77 0.49
C ILE A 18 -3.05 -1.74 1.61
N VAL A 19 -1.95 -2.52 1.48
CA VAL A 19 -1.39 -3.45 2.53
C VAL A 19 -0.76 -2.58 3.62
N VAL A 20 -0.03 -1.50 3.24
CA VAL A 20 0.48 -0.39 4.12
C VAL A 20 -0.62 0.23 4.95
N ASN A 21 -1.76 0.57 4.31
CA ASN A 21 -2.95 1.16 4.92
C ASN A 21 -3.52 0.23 6.01
N MET A 22 -3.62 -1.07 5.61
CA MET A 22 -4.22 -2.11 6.42
C MET A 22 -3.32 -2.42 7.65
N TYR A 23 -1.94 -2.40 7.47
CA TYR A 23 -0.93 -2.43 8.58
C TYR A 23 -1.02 -1.32 9.51
N ILE A 24 -1.19 -0.10 9.05
CA ILE A 24 -1.29 1.17 9.91
C ILE A 24 -2.50 1.18 10.88
N ALA A 25 -3.64 0.72 10.29
CA ALA A 25 -4.82 0.44 11.07
C ALA A 25 -4.67 -0.56 12.24
N ILE A 26 -4.02 -1.72 11.98
CA ILE A 26 -3.61 -2.70 12.91
C ILE A 26 -2.68 -2.11 13.89
N ILE A 27 -1.65 -1.32 13.53
CA ILE A 27 -0.83 -0.69 14.59
C ILE A 27 -1.55 0.37 15.53
N LEU A 28 -2.40 1.29 14.94
CA LEU A 28 -3.18 2.21 15.71
C LEU A 28 -4.11 1.53 16.68
N GLU A 29 -4.62 0.31 16.34
CA GLU A 29 -5.35 -0.50 17.30
C GLU A 29 -4.51 -1.12 18.36
N ASN A 30 -3.35 -1.68 17.87
CA ASN A 30 -2.39 -2.50 18.62
C ASN A 30 -1.82 -1.75 19.78
N PHE A 31 -1.62 -0.45 19.59
CA PHE A 31 -0.97 0.40 20.57
C PHE A 31 -1.89 0.52 21.88
N LYS A 32 -3.22 0.64 21.72
CA LYS A 32 -4.07 0.77 22.91
C LYS A 32 -3.99 -0.48 23.84
N LYS A 33 -3.79 -1.70 23.30
CA LYS A 33 -3.69 -2.93 24.02
C LYS A 33 -2.32 -3.20 24.61
N LYS A 34 -1.28 -2.95 23.82
CA LYS A 34 0.08 -3.27 24.21
C LYS A 34 0.76 -2.02 24.74
N NH2 A 35 0.80 -1.94 26.15
HN1 NH2 A 35 0.43 -2.66 26.73
HN2 NH2 A 35 1.29 -1.16 26.55
N LYS A 1 7.65 -2.66 -23.73
CA LYS A 1 7.78 -1.30 -24.33
C LYS A 1 8.10 -0.25 -23.27
N LYS A 2 8.54 1.01 -23.68
CA LYS A 2 8.89 2.11 -22.79
C LYS A 2 7.64 2.67 -22.13
N LYS A 3 6.63 2.92 -22.98
CA LYS A 3 5.41 3.70 -22.63
C LYS A 3 4.50 3.08 -21.55
N GLY A 4 4.23 1.76 -21.64
CA GLY A 4 3.15 1.10 -20.80
C GLY A 4 3.51 0.66 -19.44
N ILE A 5 4.76 0.83 -18.99
CA ILE A 5 5.16 0.30 -17.75
C ILE A 5 4.77 1.32 -16.65
N CYS A 6 4.29 2.58 -17.01
CA CYS A 6 3.89 3.57 -16.02
C CYS A 6 2.49 3.23 -15.44
N PHE A 7 1.57 2.83 -16.31
CA PHE A 7 0.30 2.33 -15.91
C PHE A 7 0.40 1.20 -14.86
N PHE A 8 1.20 0.16 -15.21
CA PHE A 8 1.20 -0.97 -14.40
C PHE A 8 2.02 -0.82 -13.10
N CYS A 9 3.13 -0.02 -13.22
CA CYS A 9 3.85 0.36 -12.03
C CYS A 9 2.95 1.14 -11.11
N SER A 10 2.13 2.05 -11.65
CA SER A 10 1.15 2.81 -10.85
C SER A 10 0.14 1.93 -10.13
N TYR A 11 -0.34 0.86 -10.79
CA TYR A 11 -1.28 -0.18 -10.21
C TYR A 11 -0.52 -0.97 -9.10
N ILE A 12 0.80 -1.28 -9.29
CA ILE A 12 1.56 -1.92 -8.21
C ILE A 12 1.75 -1.00 -6.96
N ILE A 13 2.08 0.25 -7.17
CA ILE A 13 2.25 1.24 -6.10
C ILE A 13 1.04 1.52 -5.35
N ILE A 14 -0.19 1.85 -5.96
CA ILE A 14 -1.43 1.92 -5.23
C ILE A 14 -1.74 0.70 -4.53
N SER A 15 -1.50 -0.47 -5.14
CA SER A 15 -1.77 -1.75 -4.54
C SER A 15 -0.96 -1.94 -3.20
N PHE A 16 0.33 -1.44 -3.16
CA PHE A 16 1.27 -1.72 -2.05
C PHE A 16 1.05 -0.73 -0.91
N LEU A 17 0.49 0.47 -1.21
CA LEU A 17 0.13 1.57 -0.34
C LEU A 17 -0.97 1.16 0.62
N ILE A 18 -1.97 0.64 0.06
CA ILE A 18 -2.99 -0.13 0.76
C ILE A 18 -2.53 -1.30 1.61
N VAL A 19 -1.55 -2.06 1.13
CA VAL A 19 -0.86 -3.08 1.93
C VAL A 19 0.04 -2.53 3.06
N VAL A 20 0.80 -1.45 2.88
CA VAL A 20 1.42 -0.65 3.89
C VAL A 20 0.36 -0.02 4.85
N ASN A 21 -0.77 0.60 4.39
CA ASN A 21 -1.57 1.29 5.36
C ASN A 21 -2.31 0.28 6.24
N MET A 22 -2.74 -0.89 5.64
CA MET A 22 -3.49 -1.88 6.34
C MET A 22 -2.63 -2.47 7.49
N TYR A 23 -1.28 -2.57 7.38
CA TYR A 23 -0.38 -3.10 8.45
C TYR A 23 -0.30 -2.07 9.63
N ILE A 24 -0.13 -0.75 9.32
CA ILE A 24 -0.09 0.40 10.17
C ILE A 24 -1.39 0.49 10.94
N ALA A 25 -2.48 0.20 10.24
CA ALA A 25 -3.81 0.02 10.80
C ALA A 25 -3.94 -1.13 11.78
N ILE A 26 -3.41 -2.30 11.44
CA ILE A 26 -3.19 -3.37 12.40
C ILE A 26 -2.32 -3.02 13.52
N ILE A 27 -1.25 -2.27 13.32
CA ILE A 27 -0.34 -1.86 14.42
C ILE A 27 -0.97 -0.72 15.28
N LEU A 28 -1.85 0.14 14.73
CA LEU A 28 -2.68 1.14 15.38
C LEU A 28 -3.63 0.52 16.36
N GLU A 29 -4.36 -0.45 15.87
CA GLU A 29 -5.22 -1.35 16.55
C GLU A 29 -4.49 -2.01 17.77
N ASN A 30 -3.26 -2.53 17.63
CA ASN A 30 -2.52 -2.96 18.76
C ASN A 30 -2.09 -1.82 19.69
N PHE A 31 -1.69 -0.69 19.16
CA PHE A 31 -1.31 0.46 19.93
C PHE A 31 -2.35 1.08 20.78
N LYS A 32 -3.54 1.14 20.22
CA LYS A 32 -4.70 1.53 21.00
C LYS A 32 -5.01 0.53 22.10
N LYS A 33 -4.97 -0.79 21.79
CA LYS A 33 -5.29 -1.93 22.72
C LYS A 33 -4.31 -1.94 23.92
N LYS A 34 -3.01 -1.57 23.74
CA LYS A 34 -1.96 -1.51 24.73
C LYS A 34 -2.14 -0.43 25.84
N NH2 A 35 -2.32 0.85 25.45
HN1 NH2 A 35 -2.59 1.51 26.15
HN2 NH2 A 35 -2.45 1.13 24.50
N LYS A 1 11.02 -1.56 -28.45
CA LYS A 1 10.86 -0.90 -27.09
C LYS A 1 9.67 -1.41 -26.33
N LYS A 2 9.29 -0.64 -25.26
CA LYS A 2 8.06 -0.84 -24.48
C LYS A 2 7.32 0.53 -24.48
N LYS A 3 6.04 0.45 -24.21
CA LYS A 3 5.35 1.68 -24.12
C LYS A 3 4.18 1.38 -23.28
N GLY A 4 3.87 2.32 -22.37
CA GLY A 4 2.77 2.09 -21.41
C GLY A 4 3.05 1.41 -20.12
N ILE A 5 4.31 1.65 -19.71
CA ILE A 5 4.72 1.08 -18.38
C ILE A 5 4.32 1.94 -17.28
N CYS A 6 3.81 3.16 -17.63
CA CYS A 6 3.26 4.07 -16.76
C CYS A 6 1.98 3.57 -16.12
N PHE A 7 1.19 2.73 -16.79
CA PHE A 7 0.11 1.98 -16.21
C PHE A 7 0.60 0.83 -15.38
N PHE A 8 1.57 0.05 -15.85
CA PHE A 8 2.12 -1.13 -15.20
C PHE A 8 2.74 -0.82 -13.79
N CYS A 9 3.55 0.22 -13.61
CA CYS A 9 4.15 0.51 -12.30
C CYS A 9 3.12 1.13 -11.37
N SER A 10 2.22 1.97 -11.87
CA SER A 10 1.09 2.45 -11.20
C SER A 10 0.30 1.34 -10.49
N TYR A 11 -0.11 0.27 -11.22
CA TYR A 11 -0.90 -0.87 -10.67
C TYR A 11 -0.21 -1.50 -9.44
N ILE A 12 1.10 -1.80 -9.56
CA ILE A 12 1.91 -2.48 -8.55
C ILE A 12 2.04 -1.61 -7.33
N ILE A 13 2.33 -0.32 -7.52
CA ILE A 13 2.53 0.59 -6.39
C ILE A 13 1.17 0.80 -5.65
N ILE A 14 0.06 1.10 -6.33
CA ILE A 14 -1.16 1.33 -5.64
C ILE A 14 -1.74 0.07 -4.94
N SER A 15 -1.35 -1.20 -5.36
CA SER A 15 -1.54 -2.43 -4.65
C SER A 15 -0.76 -2.50 -3.36
N PHE A 16 0.57 -2.30 -3.39
CA PHE A 16 1.51 -2.12 -2.21
C PHE A 16 1.10 -1.09 -1.17
N LEU A 17 0.55 0.00 -1.67
CA LEU A 17 0.02 1.08 -0.88
C LEU A 17 -1.19 0.64 -0.03
N ILE A 18 -2.09 -0.13 -0.65
CA ILE A 18 -3.14 -0.76 0.15
C ILE A 18 -2.61 -1.72 1.19
N VAL A 19 -1.52 -2.52 0.94
CA VAL A 19 -0.94 -3.43 1.91
C VAL A 19 -0.44 -2.68 3.16
N VAL A 20 0.19 -1.53 2.91
CA VAL A 20 0.66 -0.65 4.00
C VAL A 20 -0.54 0.02 4.79
N ASN A 21 -1.44 0.64 4.10
CA ASN A 21 -2.51 1.35 4.75
C ASN A 21 -3.40 0.53 5.63
N MET A 22 -3.78 -0.72 5.20
CA MET A 22 -4.38 -1.66 6.15
C MET A 22 -3.47 -1.99 7.32
N TYR A 23 -2.19 -2.33 7.09
CA TYR A 23 -1.41 -2.77 8.29
C TYR A 23 -1.06 -1.75 9.44
N ILE A 24 -0.98 -0.45 9.17
CA ILE A 24 -0.84 0.62 10.19
C ILE A 24 -2.10 0.86 10.97
N ALA A 25 -3.35 0.54 10.43
CA ALA A 25 -4.60 0.48 11.23
C ALA A 25 -4.55 -0.74 12.18
N ILE A 26 -4.06 -1.89 11.77
CA ILE A 26 -4.12 -3.07 12.64
C ILE A 26 -3.22 -2.83 13.87
N ILE A 27 -2.00 -2.38 13.62
CA ILE A 27 -1.09 -2.10 14.72
C ILE A 27 -1.37 -0.84 15.52
N LEU A 28 -2.13 0.18 15.01
CA LEU A 28 -2.50 1.36 15.78
C LEU A 28 -3.38 1.02 16.88
N GLU A 29 -4.28 0.05 16.69
CA GLU A 29 -5.08 -0.58 17.67
C GLU A 29 -4.26 -1.28 18.76
N ASN A 30 -3.23 -2.11 18.40
CA ASN A 30 -2.26 -2.81 19.28
C ASN A 30 -1.56 -1.79 20.19
N PHE A 31 -0.98 -0.78 19.49
CA PHE A 31 -0.08 0.22 20.13
C PHE A 31 -0.86 1.13 21.13
N LYS A 32 -2.14 1.34 20.83
CA LYS A 32 -2.98 2.04 21.80
C LYS A 32 -3.42 1.16 22.99
N LYS A 33 -3.89 -0.04 22.66
CA LYS A 33 -4.60 -0.90 23.64
C LYS A 33 -3.68 -2.02 23.90
N LYS A 34 -2.88 -1.85 25.00
CA LYS A 34 -1.94 -2.78 25.61
C LYS A 34 -2.61 -4.15 26.03
N NH2 A 35 -1.88 -5.31 25.73
HN1 NH2 A 35 -0.97 -5.30 25.32
HN2 NH2 A 35 -2.29 -6.15 26.09
N LYS A 1 10.59 -1.20 -22.89
CA LYS A 1 10.53 0.28 -23.10
C LYS A 1 9.86 1.00 -21.86
N LYS A 2 9.78 2.41 -21.86
CA LYS A 2 9.30 3.19 -20.69
C LYS A 2 7.90 3.68 -20.85
N LYS A 3 7.31 3.46 -22.03
CA LYS A 3 5.97 3.91 -22.41
C LYS A 3 4.91 2.82 -22.32
N GLY A 4 3.69 3.11 -21.85
CA GLY A 4 2.56 2.16 -21.74
C GLY A 4 2.70 1.31 -20.46
N ILE A 5 3.76 1.60 -19.71
CA ILE A 5 4.10 0.86 -18.41
C ILE A 5 3.63 1.71 -17.22
N CYS A 6 3.11 2.96 -17.39
CA CYS A 6 2.58 3.88 -16.38
C CYS A 6 1.39 3.38 -15.68
N PHE A 7 0.45 2.60 -16.23
CA PHE A 7 -0.51 1.85 -15.50
C PHE A 7 0.06 0.78 -14.59
N PHE A 8 1.09 0.02 -15.03
CA PHE A 8 1.76 -1.00 -14.28
C PHE A 8 2.62 -0.43 -13.18
N CYS A 9 3.27 0.73 -13.39
CA CYS A 9 3.94 1.41 -12.30
C CYS A 9 2.98 1.81 -11.18
N SER A 10 1.84 2.48 -11.61
CA SER A 10 0.79 2.93 -10.71
C SER A 10 0.15 1.74 -10.03
N TYR A 11 0.04 0.58 -10.66
CA TYR A 11 -0.43 -0.69 -10.07
C TYR A 11 0.43 -1.26 -8.96
N ILE A 12 1.78 -1.23 -9.13
CA ILE A 12 2.72 -1.83 -8.17
C ILE A 12 2.71 -0.91 -6.93
N ILE A 13 2.66 0.41 -7.14
CA ILE A 13 2.42 1.44 -6.10
C ILE A 13 1.21 1.18 -5.29
N ILE A 14 -0.01 1.06 -5.96
CA ILE A 14 -1.33 0.78 -5.36
C ILE A 14 -1.35 -0.54 -4.65
N SER A 15 -0.66 -1.59 -5.14
CA SER A 15 -0.68 -2.94 -4.56
C SER A 15 -0.18 -2.94 -3.20
N PHE A 16 0.91 -2.23 -2.99
CA PHE A 16 1.49 -2.01 -1.71
C PHE A 16 0.77 -0.96 -0.97
N LEU A 17 0.32 0.16 -1.61
CA LEU A 17 -0.53 1.13 -0.87
C LEU A 17 -1.79 0.62 -0.18
N ILE A 18 -2.57 -0.31 -0.82
CA ILE A 18 -3.70 -1.01 -0.20
C ILE A 18 -3.22 -1.86 1.04
N VAL A 19 -2.07 -2.54 1.00
CA VAL A 19 -1.38 -3.28 1.99
C VAL A 19 -0.89 -2.39 3.18
N VAL A 20 -0.13 -1.34 2.87
CA VAL A 20 0.24 -0.27 3.80
C VAL A 20 -0.85 0.33 4.57
N ASN A 21 -1.92 0.85 3.88
CA ASN A 21 -3.11 1.42 4.64
C ASN A 21 -3.83 0.37 5.49
N MET A 22 -3.92 -0.95 5.09
CA MET A 22 -4.47 -2.01 5.98
C MET A 22 -3.54 -2.25 7.20
N TYR A 23 -2.22 -2.34 7.01
CA TYR A 23 -1.23 -2.62 8.07
C TYR A 23 -1.03 -1.49 9.08
N ILE A 24 -0.99 -0.23 8.68
CA ILE A 24 -0.95 0.88 9.66
C ILE A 24 -2.18 0.92 10.57
N ALA A 25 -3.37 0.52 10.06
CA ALA A 25 -4.57 0.55 10.87
C ALA A 25 -4.58 -0.51 11.97
N ILE A 26 -4.11 -1.69 11.60
CA ILE A 26 -3.90 -2.87 12.54
C ILE A 26 -2.93 -2.65 13.68
N ILE A 27 -1.70 -2.08 13.32
CA ILE A 27 -0.70 -1.67 14.24
C ILE A 27 -1.05 -0.45 15.06
N LEU A 28 -1.63 0.65 14.48
CA LEU A 28 -2.03 1.85 15.31
C LEU A 28 -3.03 1.53 16.32
N GLU A 29 -4.09 0.78 15.98
CA GLU A 29 -4.99 0.23 16.98
C GLU A 29 -4.41 -0.71 18.02
N ASN A 30 -3.54 -1.71 17.77
CA ASN A 30 -2.91 -2.48 18.77
C ASN A 30 -2.01 -1.70 19.75
N PHE A 31 -1.20 -0.68 19.21
CA PHE A 31 -0.25 0.20 19.95
C PHE A 31 -1.01 1.09 20.85
N LYS A 32 -2.13 1.65 20.32
CA LYS A 32 -3.06 2.32 21.15
C LYS A 32 -3.74 1.55 22.32
N LYS A 33 -4.08 0.24 22.03
CA LYS A 33 -4.80 -0.69 22.88
C LYS A 33 -3.83 -1.25 23.95
N LYS A 34 -2.58 -1.75 23.60
CA LYS A 34 -1.65 -2.43 24.49
C LYS A 34 -0.52 -1.43 25.00
N NH2 A 35 0.24 -0.83 24.10
HN1 NH2 A 35 0.86 -0.13 24.46
HN2 NH2 A 35 -0.12 -0.84 23.16
N LYS A 1 9.01 -1.32 -24.04
CA LYS A 1 8.42 0.05 -24.24
C LYS A 1 7.94 0.73 -23.04
N LYS A 2 7.82 2.08 -23.12
CA LYS A 2 7.54 2.92 -21.94
C LYS A 2 6.11 3.51 -22.10
N LYS A 3 5.26 2.91 -22.95
CA LYS A 3 4.06 3.58 -23.45
C LYS A 3 2.80 2.86 -22.93
N GLY A 4 2.08 3.46 -21.99
CA GLY A 4 0.86 2.97 -21.29
C GLY A 4 1.12 2.06 -20.08
N ILE A 5 2.40 1.88 -19.68
CA ILE A 5 2.75 1.04 -18.54
C ILE A 5 2.68 1.72 -17.15
N CYS A 6 2.49 3.02 -17.15
CA CYS A 6 2.30 3.91 -16.01
C CYS A 6 1.13 3.46 -15.11
N PHE A 7 0.00 3.16 -15.66
CA PHE A 7 -1.09 2.61 -14.86
C PHE A 7 -0.67 1.28 -14.21
N PHE A 8 -0.18 0.26 -14.98
CA PHE A 8 0.28 -0.99 -14.43
C PHE A 8 1.43 -0.92 -13.38
N CYS A 9 2.50 -0.09 -13.56
CA CYS A 9 3.60 0.12 -12.63
C CYS A 9 3.17 0.83 -11.37
N SER A 10 2.23 1.76 -11.56
CA SER A 10 1.56 2.39 -10.42
C SER A 10 0.69 1.32 -9.69
N TYR A 11 0.13 0.23 -10.34
CA TYR A 11 -0.65 -0.81 -9.71
C TYR A 11 0.19 -1.64 -8.66
N ILE A 12 1.39 -1.98 -9.01
CA ILE A 12 2.46 -2.52 -8.20
C ILE A 12 2.74 -1.63 -6.97
N ILE A 13 2.89 -0.30 -7.18
CA ILE A 13 3.11 0.65 -6.11
C ILE A 13 1.95 0.83 -5.17
N ILE A 14 0.70 0.92 -5.65
CA ILE A 14 -0.48 0.93 -4.82
C ILE A 14 -0.67 -0.34 -4.00
N SER A 15 -0.41 -1.52 -4.59
CA SER A 15 -0.59 -2.76 -3.81
C SER A 15 0.19 -2.91 -2.53
N PHE A 16 1.45 -2.54 -2.62
CA PHE A 16 2.26 -2.37 -1.41
C PHE A 16 1.72 -1.29 -0.50
N LEU A 17 1.33 -0.21 -1.12
CA LEU A 17 0.77 0.95 -0.30
C LEU A 17 -0.49 0.64 0.41
N ILE A 18 -1.41 -0.14 -0.26
CA ILE A 18 -2.62 -0.65 0.45
C ILE A 18 -2.45 -1.64 1.60
N VAL A 19 -1.40 -2.47 1.43
CA VAL A 19 -0.79 -3.39 2.47
C VAL A 19 -0.24 -2.56 3.58
N VAL A 20 0.49 -1.37 3.32
CA VAL A 20 1.15 -0.59 4.37
C VAL A 20 0.11 0.17 5.14
N ASN A 21 -0.88 0.75 4.47
CA ASN A 21 -2.09 1.27 5.13
C ASN A 21 -2.83 0.28 6.09
N MET A 22 -2.91 -0.99 5.72
CA MET A 22 -3.45 -2.06 6.59
C MET A 22 -2.59 -2.39 7.79
N TYR A 23 -1.24 -2.44 7.53
CA TYR A 23 -0.35 -2.63 8.63
C TYR A 23 -0.27 -1.44 9.67
N ILE A 24 -0.33 -0.14 9.24
CA ILE A 24 -0.23 0.96 10.16
C ILE A 24 -1.51 1.07 10.98
N ALA A 25 -2.61 0.65 10.37
CA ALA A 25 -3.89 0.54 11.03
C ALA A 25 -3.93 -0.60 12.08
N ILE A 26 -3.19 -1.74 11.80
CA ILE A 26 -3.15 -2.89 12.70
C ILE A 26 -2.27 -2.58 13.91
N ILE A 27 -1.14 -1.82 13.78
CA ILE A 27 -0.27 -1.43 14.88
C ILE A 27 -0.92 -0.32 15.67
N LEU A 28 -1.86 0.45 15.08
CA LEU A 28 -2.56 1.53 15.79
C LEU A 28 -3.53 0.94 16.88
N GLU A 29 -4.35 -0.07 16.46
CA GLU A 29 -5.27 -0.91 17.21
C GLU A 29 -4.66 -1.87 18.26
N ASN A 30 -3.46 -2.52 17.97
CA ASN A 30 -2.71 -3.28 18.86
C ASN A 30 -2.04 -2.37 19.98
N PHE A 31 -1.44 -1.26 19.58
CA PHE A 31 -0.76 -0.40 20.57
C PHE A 31 -1.83 0.19 21.55
N LYS A 32 -3.03 0.48 21.06
CA LYS A 32 -4.23 0.91 21.84
C LYS A 32 -4.72 -0.04 22.88
N LYS A 33 -4.79 -1.32 22.59
CA LYS A 33 -5.27 -2.26 23.55
C LYS A 33 -4.20 -2.84 24.46
N LYS A 34 -3.07 -3.31 23.88
CA LYS A 34 -1.92 -3.98 24.53
C LYS A 34 -1.07 -3.16 25.51
N NH2 A 35 -0.35 -2.12 24.99
HN1 NH2 A 35 0.11 -1.53 25.65
HN2 NH2 A 35 -0.62 -1.74 24.10
N LYS A 1 10.50 -1.40 -23.07
CA LYS A 1 10.83 0.08 -23.07
C LYS A 1 10.17 0.93 -21.94
N LYS A 2 10.30 2.27 -21.90
CA LYS A 2 9.75 3.15 -20.80
C LYS A 2 8.33 3.75 -21.04
N LYS A 3 7.62 3.42 -22.13
CA LYS A 3 6.34 4.04 -22.40
C LYS A 3 5.24 2.97 -22.28
N GLY A 4 4.07 3.25 -21.57
CA GLY A 4 2.94 2.37 -21.43
C GLY A 4 3.16 1.46 -20.28
N ILE A 5 4.16 1.61 -19.42
CA ILE A 5 4.42 0.89 -18.20
C ILE A 5 3.88 1.59 -16.95
N CYS A 6 3.56 2.89 -17.10
CA CYS A 6 2.90 3.77 -16.17
C CYS A 6 1.71 3.27 -15.28
N PHE A 7 0.79 2.56 -15.89
CA PHE A 7 -0.37 1.82 -15.44
C PHE A 7 0.05 0.74 -14.43
N PHE A 8 1.11 0.04 -14.70
CA PHE A 8 1.52 -1.17 -13.94
C PHE A 8 2.44 -0.67 -12.83
N CYS A 9 3.10 0.49 -12.99
CA CYS A 9 3.77 1.20 -11.94
C CYS A 9 2.88 1.75 -10.87
N SER A 10 1.70 2.28 -11.23
CA SER A 10 0.65 2.70 -10.30
C SER A 10 -0.04 1.47 -9.76
N TYR A 11 -0.10 0.35 -10.54
CA TYR A 11 -0.64 -0.86 -9.93
C TYR A 11 0.29 -1.32 -8.85
N ILE A 12 1.64 -1.32 -9.04
CA ILE A 12 2.63 -1.86 -8.14
C ILE A 12 2.62 -1.00 -6.85
N ILE A 13 2.58 0.36 -7.03
CA ILE A 13 2.62 1.36 -5.99
C ILE A 13 1.37 1.31 -5.14
N ILE A 14 0.15 1.30 -5.75
CA ILE A 14 -1.06 1.24 -4.97
C ILE A 14 -1.25 -0.07 -4.30
N SER A 15 -0.70 -1.17 -4.85
CA SER A 15 -0.67 -2.48 -4.16
C SER A 15 0.01 -2.51 -2.75
N PHE A 16 1.17 -1.90 -2.69
CA PHE A 16 1.81 -1.65 -1.41
C PHE A 16 1.01 -0.60 -0.58
N LEU A 17 0.48 0.53 -1.22
CA LEU A 17 -0.25 1.59 -0.55
C LEU A 17 -1.52 1.20 0.19
N ILE A 18 -2.33 0.43 -0.51
CA ILE A 18 -3.55 -0.09 0.21
C ILE A 18 -3.30 -1.01 1.42
N VAL A 19 -2.21 -1.87 1.36
CA VAL A 19 -1.65 -2.64 2.39
C VAL A 19 -0.87 -1.88 3.50
N VAL A 20 -0.06 -0.88 3.11
CA VAL A 20 0.59 -0.03 4.13
C VAL A 20 -0.38 0.82 4.80
N ASN A 21 -1.38 1.46 4.10
CA ASN A 21 -2.46 2.13 4.89
C ASN A 21 -3.18 1.23 5.87
N MET A 22 -3.47 -0.03 5.45
CA MET A 22 -4.15 -0.98 6.32
C MET A 22 -3.29 -1.41 7.45
N TYR A 23 -1.99 -1.68 7.24
CA TYR A 23 -1.02 -2.08 8.27
C TYR A 23 -0.88 -0.97 9.32
N ILE A 24 -0.62 0.33 8.88
CA ILE A 24 -0.33 1.42 9.88
C ILE A 24 -1.52 1.65 10.81
N ALA A 25 -2.81 1.41 10.26
CA ALA A 25 -3.97 1.49 11.07
C ALA A 25 -4.06 0.32 12.02
N ILE A 26 -3.83 -0.94 11.58
CA ILE A 26 -3.84 -2.00 12.56
C ILE A 26 -2.89 -2.01 13.75
N ILE A 27 -1.68 -1.57 13.57
CA ILE A 27 -0.67 -1.28 14.52
C ILE A 27 -1.10 -0.12 15.43
N LEU A 28 -1.80 0.88 14.96
CA LEU A 28 -2.45 1.95 15.82
C LEU A 28 -3.46 1.47 16.87
N GLU A 29 -4.40 0.74 16.35
CA GLU A 29 -5.34 0.08 17.14
C GLU A 29 -4.79 -0.92 18.14
N ASN A 30 -3.94 -1.88 17.63
CA ASN A 30 -3.30 -2.83 18.47
C ASN A 30 -2.30 -2.26 19.54
N PHE A 31 -1.48 -1.19 19.28
CA PHE A 31 -0.67 -0.59 20.26
C PHE A 31 -1.48 0.08 21.29
N LYS A 32 -2.55 0.79 20.95
CA LYS A 32 -3.51 1.40 21.80
C LYS A 32 -4.21 0.40 22.72
N LYS A 33 -4.54 -0.85 22.24
CA LYS A 33 -5.15 -1.95 22.98
C LYS A 33 -4.20 -2.49 24.03
N LYS A 34 -2.97 -2.86 23.62
CA LYS A 34 -1.92 -3.34 24.57
C LYS A 34 -1.48 -2.20 25.62
N NH2 A 35 -1.18 -0.94 25.17
HN1 NH2 A 35 -0.66 -0.34 25.77
HN2 NH2 A 35 -1.21 -0.67 24.21
N LYS A 1 9.56 6.59 -19.36
CA LYS A 1 9.32 5.35 -20.15
C LYS A 1 8.04 5.53 -21.00
N LYS A 2 7.98 4.78 -22.16
CA LYS A 2 6.89 4.74 -23.05
C LYS A 2 5.53 4.47 -22.29
N LYS A 3 4.49 5.11 -22.80
CA LYS A 3 3.13 4.72 -22.38
C LYS A 3 2.79 3.20 -22.58
N GLY A 4 2.30 2.58 -21.47
CA GLY A 4 2.05 1.17 -21.46
C GLY A 4 2.45 0.50 -20.18
N ILE A 5 3.75 0.52 -19.89
CA ILE A 5 4.32 -0.24 -18.74
C ILE A 5 4.18 0.61 -17.40
N CYS A 6 4.08 1.92 -17.55
CA CYS A 6 3.70 2.87 -16.53
C CYS A 6 2.34 2.47 -15.81
N PHE A 7 1.33 1.93 -16.58
CA PHE A 7 0.03 1.52 -15.94
C PHE A 7 0.28 0.32 -14.98
N PHE A 8 1.04 -0.65 -15.33
CA PHE A 8 1.41 -1.80 -14.58
C PHE A 8 2.24 -1.41 -13.33
N CYS A 9 3.25 -0.52 -13.52
CA CYS A 9 4.00 0.10 -12.45
C CYS A 9 3.04 0.80 -11.39
N SER A 10 2.07 1.63 -11.86
CA SER A 10 1.13 2.47 -11.12
C SER A 10 0.30 1.61 -10.17
N TYR A 11 -0.23 0.48 -10.71
CA TYR A 11 -0.99 -0.49 -9.97
C TYR A 11 -0.16 -1.26 -8.89
N ILE A 12 1.11 -1.58 -9.02
CA ILE A 12 1.93 -2.18 -7.91
C ILE A 12 2.09 -1.17 -6.78
N ILE A 13 2.43 0.08 -7.17
CA ILE A 13 2.49 1.23 -6.16
C ILE A 13 1.13 1.54 -5.44
N ILE A 14 -0.04 1.61 -6.14
CA ILE A 14 -1.37 1.59 -5.50
C ILE A 14 -1.66 0.35 -4.68
N SER A 15 -1.23 -0.89 -5.08
CA SER A 15 -1.36 -2.12 -4.24
C SER A 15 -0.50 -2.00 -3.02
N PHE A 16 0.75 -1.54 -3.07
CA PHE A 16 1.52 -1.36 -1.84
C PHE A 16 1.05 -0.21 -0.96
N LEU A 17 0.23 0.80 -1.52
CA LEU A 17 -0.30 1.94 -0.85
C LEU A 17 -1.42 1.45 0.09
N ILE A 18 -2.18 0.37 -0.29
CA ILE A 18 -3.23 -0.25 0.53
C ILE A 18 -2.69 -1.12 1.56
N VAL A 19 -1.63 -1.85 1.27
CA VAL A 19 -0.85 -2.59 2.21
C VAL A 19 -0.19 -1.76 3.28
N VAL A 20 0.48 -0.65 2.85
CA VAL A 20 0.94 0.40 3.72
C VAL A 20 -0.08 1.12 4.53
N ASN A 21 -1.18 1.64 4.01
CA ASN A 21 -2.26 2.25 4.85
C ASN A 21 -2.99 1.23 5.72
N MET A 22 -3.16 -0.04 5.29
CA MET A 22 -3.61 -1.13 6.20
C MET A 22 -2.71 -1.41 7.40
N TYR A 23 -1.34 -1.50 7.08
CA TYR A 23 -0.28 -1.75 8.05
C TYR A 23 -0.35 -0.68 9.12
N ILE A 24 -0.35 0.60 8.69
CA ILE A 24 -0.34 1.61 9.73
C ILE A 24 -1.71 1.53 10.65
N ALA A 25 -2.87 1.07 10.12
CA ALA A 25 -4.06 0.90 11.01
C ALA A 25 -3.98 -0.23 12.02
N ILE A 26 -3.53 -1.40 11.58
CA ILE A 26 -3.33 -2.57 12.46
C ILE A 26 -2.33 -2.54 13.59
N ILE A 27 -1.16 -1.92 13.44
CA ILE A 27 -0.26 -1.63 14.55
C ILE A 27 -0.78 -0.61 15.46
N LEU A 28 -1.74 0.26 14.97
CA LEU A 28 -2.40 1.20 15.90
C LEU A 28 -3.35 0.45 16.80
N GLU A 29 -4.11 -0.52 16.20
CA GLU A 29 -4.94 -1.48 16.88
C GLU A 29 -4.26 -2.30 17.93
N ASN A 30 -3.09 -2.89 17.65
CA ASN A 30 -2.30 -3.53 18.74
C ASN A 30 -1.83 -2.56 19.79
N PHE A 31 -1.45 -1.30 19.35
CA PHE A 31 -1.04 -0.32 20.34
C PHE A 31 -2.09 0.13 21.29
N LYS A 32 -3.36 0.31 20.82
CA LYS A 32 -4.43 0.74 21.80
C LYS A 32 -5.06 -0.44 22.50
N LYS A 33 -4.90 -1.65 22.03
CA LYS A 33 -5.29 -2.79 22.77
C LYS A 33 -4.50 -2.99 24.07
N LYS A 34 -3.18 -2.97 23.97
CA LYS A 34 -2.17 -3.02 25.01
C LYS A 34 -2.30 -1.77 25.99
N NH2 A 35 -2.24 -0.53 25.48
HN1 NH2 A 35 -2.14 -0.39 24.50
HN2 NH2 A 35 -2.37 0.19 26.16
#